data_5AJR
#
_entry.id   5AJR
#
_cell.length_a   63.060
_cell.length_b   63.060
_cell.length_c   221.750
_cell.angle_alpha   90.00
_cell.angle_beta   90.00
_cell.angle_gamma   120.00
#
_symmetry.space_group_name_H-M   'P 31 2 1'
#
loop_
_entity.id
_entity.type
_entity.pdbx_description
1 polymer 'STEROL 14-ALPHA DEMETHYLASE'
2 non-polymer 'PROTOPORPHYRIN IX CONTAINING FE'
3 non-polymer (R)-2-(2,4-Difluorophenyl)-1,1-difluoro-3-(1H-tetrazol-1-yl)-1-(5-(4-(2,2,2-trifluoroethoxy)phenyl)pyridin-2-yl)propan-2-ol
#
_entity_poly.entity_id   1
_entity_poly.type   'polypeptide(L)'
_entity_poly.pdbx_seq_one_letter_code
;AKKTPPVYPVTVPFLGHIVQFGKNPLEFMQRCKRDLKSGVFTISIGGQRVTIVGDPHEHSRFFSPRNEILSPREVYTIMT
PVFGEGVAYAAPYPRMREQLNFLAEELTIAKFQNFVPAIQHEVRKFMAENWKEDEGVINLLEDCGAMIINTACQCLFGED
LRKRLNARHFAQLLSKMESSLIPAAVFMPWLLRLPLPQSARCREARAELQKILGEIIVAREKEEASKDNNTSDLLGGLLK
AVYRDGTRMSLHEVCGMIVAAMFAGQHTSTITTSWSMLHLMHPKNKKWLDKLHKEIDEFPAQLNYDNVMDEMPFAERCVR
ESIRRDPPLLMVMRMVKAEVKVGSYVVPKGDIIACSPLLSHHDEEAFPNPRLWDPERDEKVDGAFIGFGAGVHKCIGQKF
ALLQVKTILATAFREYDFQLLRDEVPDPDYHTMVVGPTLNQCLVKYTRKKKLPSHHHHHH
;
_entity_poly.pdbx_strand_id   A
#
loop_
_chem_comp.id
_chem_comp.type
_chem_comp.name
_chem_comp.formula
HEM non-polymer 'PROTOPORPHYRIN IX CONTAINING FE' 'C34 H32 Fe N4 O4'
VT1 non-polymer (R)-2-(2,4-Difluorophenyl)-1,1-difluoro-3-(1H-tetrazol-1-yl)-1-(5-(4-(2,2,2-trifluoroethoxy)phenyl)pyridin-2-yl)propan-2-ol 'C23 H16 F7 N5 O2'
#
# COMPACT_ATOMS: atom_id res chain seq x y z
N LYS A 2 -33.84 -11.36 -9.08
CA LYS A 2 -32.66 -12.07 -8.52
C LYS A 2 -31.61 -12.32 -9.60
N LYS A 3 -31.41 -11.34 -10.47
CA LYS A 3 -30.62 -11.55 -11.68
C LYS A 3 -29.27 -10.84 -11.70
N THR A 4 -28.40 -11.29 -12.59
CA THR A 4 -27.00 -10.88 -12.61
C THR A 4 -26.83 -9.52 -13.29
N PRO A 5 -25.67 -8.89 -13.09
CA PRO A 5 -25.24 -7.88 -14.06
C PRO A 5 -24.89 -8.53 -15.40
N PRO A 6 -25.02 -7.79 -16.50
CA PRO A 6 -24.81 -8.49 -17.76
C PRO A 6 -23.35 -8.93 -17.83
N VAL A 7 -23.07 -10.01 -18.54
CA VAL A 7 -21.67 -10.39 -18.73
C VAL A 7 -21.13 -9.94 -20.08
N TYR A 8 -20.00 -9.23 -20.01
CA TYR A 8 -19.32 -8.72 -21.19
C TYR A 8 -19.04 -9.86 -22.17
N PRO A 9 -19.19 -9.60 -23.48
CA PRO A 9 -18.99 -10.71 -24.41
C PRO A 9 -17.56 -11.25 -24.30
N VAL A 10 -17.44 -12.57 -24.23
CA VAL A 10 -16.13 -13.20 -24.15
C VAL A 10 -15.69 -13.73 -25.52
N THR A 11 -14.65 -13.12 -26.06
CA THR A 11 -14.19 -13.42 -27.41
C THR A 11 -13.64 -14.84 -27.50
N VAL A 12 -12.85 -15.24 -26.51
CA VAL A 12 -12.45 -16.63 -26.34
C VAL A 12 -12.73 -17.09 -24.92
N PRO A 13 -13.50 -18.17 -24.76
CA PRO A 13 -14.05 -18.37 -23.43
C PRO A 13 -12.99 -18.48 -22.33
N PHE A 14 -12.05 -19.42 -22.45
CA PHE A 14 -11.21 -19.72 -21.30
C PHE A 14 -10.31 -18.56 -20.89
N LEU A 15 -9.82 -17.81 -21.86
CA LEU A 15 -9.06 -16.60 -21.57
C LEU A 15 -9.95 -15.58 -20.88
N GLY A 16 -11.20 -15.50 -21.32
CA GLY A 16 -12.08 -14.40 -20.95
C GLY A 16 -11.62 -13.09 -21.53
N HIS A 17 -11.17 -12.19 -20.66
CA HIS A 17 -10.73 -10.86 -21.09
C HIS A 17 -9.32 -10.59 -20.61
N ILE A 18 -8.57 -11.67 -20.38
CA ILE A 18 -7.31 -11.61 -19.65
C ILE A 18 -6.28 -10.73 -20.35
N VAL A 19 -6.40 -10.61 -21.66
CA VAL A 19 -5.43 -9.88 -22.47
C VAL A 19 -5.62 -8.37 -22.40
N GLN A 20 -6.80 -7.91 -22.78
CA GLN A 20 -7.07 -6.48 -22.84
C GLN A 20 -7.07 -5.93 -21.42
N PHE A 21 -7.37 -6.81 -20.48
CA PHE A 21 -7.30 -6.48 -19.06
C PHE A 21 -5.85 -6.29 -18.63
N GLY A 22 -5.01 -7.25 -18.99
CA GLY A 22 -3.60 -7.21 -18.62
C GLY A 22 -2.87 -6.05 -19.27
N LYS A 23 -3.37 -5.60 -20.41
CA LYS A 23 -2.68 -4.54 -21.16
C LYS A 23 -3.00 -3.12 -20.67
N ASN A 24 -4.27 -2.79 -20.52
CA ASN A 24 -4.67 -1.52 -19.92
C ASN A 24 -6.01 -1.64 -19.21
N PRO A 25 -5.97 -2.04 -17.92
CA PRO A 25 -7.18 -2.35 -17.18
C PRO A 25 -8.09 -1.15 -17.00
N LEU A 26 -7.50 0.05 -17.06
CA LEU A 26 -8.28 1.28 -16.96
C LEU A 26 -9.16 1.46 -18.20
N GLU A 27 -8.53 1.63 -19.35
CA GLU A 27 -9.23 1.69 -20.63
C GLU A 27 -10.28 0.58 -20.71
N PHE A 28 -9.86 -0.63 -20.36
CA PHE A 28 -10.69 -1.82 -20.58
C PHE A 28 -11.95 -1.75 -19.74
N MET A 29 -11.74 -1.68 -18.42
CA MET A 29 -12.84 -1.62 -17.46
C MET A 29 -13.79 -0.47 -17.78
N GLN A 30 -13.22 0.66 -18.20
CA GLN A 30 -14.04 1.81 -18.58
C GLN A 30 -14.97 1.43 -19.72
N ARG A 31 -14.40 0.89 -20.79
CA ARG A 31 -15.19 0.49 -21.96
C ARG A 31 -16.29 -0.47 -21.54
N CYS A 32 -15.92 -1.55 -20.86
CA CYS A 32 -16.90 -2.45 -20.27
C CYS A 32 -18.04 -1.60 -19.69
N LYS A 33 -17.66 -0.59 -18.92
CA LYS A 33 -18.62 0.28 -18.27
C LYS A 33 -19.41 1.08 -19.31
N ARG A 34 -18.69 1.72 -20.22
CA ARG A 34 -19.30 2.60 -21.21
C ARG A 34 -20.25 1.83 -22.13
N ASP A 35 -19.76 0.74 -22.70
CA ASP A 35 -20.54 -0.04 -23.64
C ASP A 35 -21.69 -0.75 -22.92
N LEU A 36 -21.35 -1.52 -21.89
CA LEU A 36 -22.35 -2.12 -21.02
C LEU A 36 -23.30 -1.03 -20.54
N LYS A 37 -22.73 0.15 -20.29
CA LYS A 37 -23.50 1.29 -19.81
C LYS A 37 -23.92 1.08 -18.35
N SER A 38 -23.32 0.09 -17.70
CA SER A 38 -23.56 -0.14 -16.28
C SER A 38 -22.26 -0.07 -15.49
N GLY A 39 -22.25 0.77 -14.45
CA GLY A 39 -21.14 0.81 -13.51
C GLY A 39 -20.84 -0.56 -12.94
N VAL A 40 -21.89 -1.34 -12.71
CA VAL A 40 -21.75 -2.71 -12.21
C VAL A 40 -21.87 -3.71 -13.35
N PHE A 41 -20.86 -4.55 -13.50
CA PHE A 41 -20.85 -5.54 -14.57
C PHE A 41 -19.88 -6.67 -14.24
N THR A 42 -20.08 -7.81 -14.91
CA THR A 42 -19.22 -8.96 -14.71
C THR A 42 -18.29 -9.13 -15.91
N ILE A 43 -17.12 -9.70 -15.64
CA ILE A 43 -16.19 -10.09 -16.70
C ILE A 43 -15.75 -11.53 -16.46
N SER A 44 -15.33 -12.20 -17.52
CA SER A 44 -14.81 -13.56 -17.42
C SER A 44 -13.29 -13.52 -17.47
N ILE A 45 -12.65 -13.98 -16.40
CA ILE A 45 -11.20 -14.17 -16.42
C ILE A 45 -10.82 -15.57 -15.97
N GLY A 46 -10.05 -16.26 -16.81
CA GLY A 46 -9.86 -17.69 -16.68
C GLY A 46 -11.20 -18.40 -16.54
N GLY A 47 -12.18 -17.93 -17.29
CA GLY A 47 -13.54 -18.48 -17.22
C GLY A 47 -14.13 -18.34 -15.83
N GLN A 48 -13.75 -17.27 -15.14
CA GLN A 48 -14.19 -17.02 -13.78
C GLN A 48 -15.08 -15.78 -13.72
N ARG A 49 -16.32 -15.94 -13.29
CA ARG A 49 -17.20 -14.80 -13.06
C ARG A 49 -16.51 -13.79 -12.14
N VAL A 50 -16.18 -12.62 -12.69
CA VAL A 50 -15.59 -11.55 -11.90
C VAL A 50 -16.43 -10.28 -12.02
N THR A 51 -17.24 -10.02 -11.00
CA THR A 51 -18.16 -8.89 -11.03
C THR A 51 -17.55 -7.66 -10.36
N ILE A 52 -17.25 -6.65 -11.17
CA ILE A 52 -16.66 -5.42 -10.67
C ILE A 52 -17.74 -4.42 -10.30
N VAL A 53 -17.64 -3.85 -9.10
CA VAL A 53 -18.54 -2.80 -8.66
C VAL A 53 -17.99 -1.43 -9.04
N GLY A 54 -18.48 -0.91 -10.16
CA GLY A 54 -17.93 0.31 -10.76
C GLY A 54 -18.77 1.53 -10.51
N ASP A 55 -19.66 1.45 -9.53
CA ASP A 55 -20.53 2.56 -9.16
C ASP A 55 -20.15 3.09 -7.79
N PRO A 56 -19.77 4.37 -7.70
CA PRO A 56 -19.32 4.89 -6.41
C PRO A 56 -20.40 4.81 -5.34
N HIS A 57 -21.66 4.98 -5.74
CA HIS A 57 -22.77 4.97 -4.79
C HIS A 57 -22.89 3.62 -4.10
N GLU A 58 -22.40 2.58 -4.75
CA GLU A 58 -22.70 1.21 -4.34
C GLU A 58 -21.60 0.60 -3.47
N HIS A 59 -20.55 1.38 -3.21
CA HIS A 59 -19.41 0.89 -2.47
C HIS A 59 -19.83 0.27 -1.13
N SER A 60 -20.71 0.96 -0.42
CA SER A 60 -21.10 0.53 0.92
C SER A 60 -21.42 -0.96 0.89
N ARG A 61 -21.91 -1.41 -0.26
CA ARG A 61 -22.37 -2.79 -0.40
C ARG A 61 -21.19 -3.75 -0.24
N PHE A 62 -20.12 -3.46 -0.97
CA PHE A 62 -18.91 -4.25 -0.93
C PHE A 62 -18.28 -4.27 0.45
N PHE A 63 -18.16 -3.09 1.06
CA PHE A 63 -17.31 -2.92 2.24
C PHE A 63 -18.03 -3.24 3.55
N SER A 64 -19.33 -2.96 3.57
CA SER A 64 -20.11 -3.16 4.78
C SER A 64 -20.24 -4.62 5.18
N PRO A 65 -20.34 -5.53 4.20
CA PRO A 65 -20.71 -6.89 4.57
C PRO A 65 -19.61 -7.59 5.35
N ARG A 66 -20.01 -8.48 6.25
CA ARG A 66 -19.06 -9.30 6.99
C ARG A 66 -18.33 -10.27 6.05
N ASN A 67 -17.13 -10.63 6.49
CA ASN A 67 -16.28 -11.57 5.76
C ASN A 67 -17.00 -12.89 5.55
N GLU A 68 -17.80 -13.30 6.53
CA GLU A 68 -18.50 -14.58 6.39
C GLU A 68 -19.41 -14.51 5.16
N ILE A 69 -20.07 -13.38 4.99
CA ILE A 69 -20.91 -13.21 3.81
C ILE A 69 -20.03 -13.07 2.57
N LEU A 70 -19.05 -12.18 2.68
CA LEU A 70 -18.10 -11.96 1.60
C LEU A 70 -16.74 -12.16 2.23
N SER A 71 -15.99 -13.13 1.73
CA SER A 71 -14.72 -13.41 2.36
C SER A 71 -13.54 -13.02 1.48
N PRO A 72 -12.55 -12.37 2.10
CA PRO A 72 -11.28 -12.14 1.41
C PRO A 72 -10.53 -13.46 1.26
N ARG A 73 -10.58 -14.29 2.29
CA ARG A 73 -9.60 -15.33 2.50
C ARG A 73 -9.26 -16.05 1.18
N GLU A 74 -10.25 -16.72 0.60
CA GLU A 74 -10.01 -17.57 -0.56
C GLU A 74 -9.24 -16.80 -1.62
N VAL A 75 -9.55 -15.52 -1.76
CA VAL A 75 -8.93 -14.67 -2.77
C VAL A 75 -7.46 -14.43 -2.44
N TYR A 76 -7.16 -14.25 -1.16
CA TYR A 76 -5.89 -13.66 -0.73
C TYR A 76 -4.92 -14.75 -0.28
N THR A 77 -5.23 -16.00 -0.59
CA THR A 77 -4.41 -17.13 -0.16
C THR A 77 -2.95 -16.90 -0.55
N ILE A 78 -2.76 -16.18 -1.65
CA ILE A 78 -1.46 -16.09 -2.30
C ILE A 78 -0.42 -15.49 -1.36
N MET A 79 -0.89 -14.66 -0.42
CA MET A 79 0.00 -14.06 0.57
C MET A 79 0.51 -15.08 1.57
N THR A 80 -0.26 -16.15 1.76
CA THR A 80 -0.06 -17.05 2.90
C THR A 80 1.39 -17.52 2.97
N PRO A 81 1.99 -17.87 1.82
CA PRO A 81 3.41 -18.21 1.87
C PRO A 81 4.25 -17.05 2.37
N VAL A 82 3.95 -15.84 1.90
CA VAL A 82 4.63 -14.65 2.39
C VAL A 82 4.40 -14.46 3.88
N PHE A 83 3.13 -14.47 4.28
CA PHE A 83 2.76 -14.18 5.67
C PHE A 83 2.91 -15.42 6.54
N GLY A 84 2.67 -16.59 5.95
CA GLY A 84 2.80 -17.85 6.67
C GLY A 84 1.47 -18.57 6.77
N GLU A 85 1.52 -19.88 7.03
CA GLU A 85 0.31 -20.62 7.38
C GLU A 85 -0.31 -20.01 8.62
N GLY A 86 -1.63 -20.05 8.71
CA GLY A 86 -2.34 -19.56 9.89
C GLY A 86 -1.98 -18.14 10.28
N VAL A 87 -1.47 -17.37 9.32
CA VAL A 87 -1.27 -15.93 9.53
C VAL A 87 -2.19 -15.11 8.63
N ALA A 88 -2.81 -14.08 9.21
CA ALA A 88 -3.77 -13.26 8.51
C ALA A 88 -4.86 -14.11 7.85
N TYR A 89 -5.07 -13.92 6.55
CA TYR A 89 -6.19 -14.54 5.85
C TYR A 89 -6.17 -16.05 6.00
N ALA A 90 -4.97 -16.64 5.88
CA ALA A 90 -4.81 -18.07 6.08
C ALA A 90 -5.44 -18.48 7.40
N ALA A 91 -5.34 -17.59 8.39
CA ALA A 91 -5.90 -17.85 9.71
C ALA A 91 -7.43 -17.72 9.69
N PRO A 92 -8.11 -18.39 10.63
CA PRO A 92 -9.51 -18.15 10.90
C PRO A 92 -9.80 -16.68 11.22
N TYR A 93 -11.01 -16.23 10.90
CA TYR A 93 -11.30 -14.80 10.88
C TYR A 93 -11.21 -14.17 12.26
N PRO A 94 -11.68 -14.89 13.29
CA PRO A 94 -11.54 -14.35 14.64
C PRO A 94 -10.08 -14.03 14.96
N ARG A 95 -9.20 -14.97 14.67
CA ARG A 95 -7.77 -14.81 14.96
C ARG A 95 -7.17 -13.72 14.08
N MET A 96 -7.34 -13.85 12.77
CA MET A 96 -6.83 -12.86 11.83
C MET A 96 -7.23 -11.45 12.26
N ARG A 97 -8.44 -11.31 12.78
CA ARG A 97 -8.91 -10.04 13.32
C ARG A 97 -8.03 -9.60 14.48
N GLU A 98 -7.92 -10.47 15.48
CA GLU A 98 -7.10 -10.19 16.66
C GLU A 98 -5.69 -9.75 16.23
N GLN A 99 -5.08 -10.53 15.34
CA GLN A 99 -3.74 -10.23 14.86
C GLN A 99 -3.70 -8.83 14.27
N LEU A 100 -4.62 -8.57 13.35
CA LEU A 100 -4.69 -7.28 12.68
C LEU A 100 -4.83 -6.16 13.71
N ASN A 101 -5.66 -6.41 14.72
CA ASN A 101 -5.86 -5.45 15.80
C ASN A 101 -4.55 -5.16 16.54
N PHE A 102 -3.90 -6.23 16.99
CA PHE A 102 -2.63 -6.08 17.69
C PHE A 102 -1.71 -5.16 16.87
N LEU A 103 -1.57 -5.49 15.59
CA LEU A 103 -0.80 -4.66 14.67
C LEU A 103 -1.33 -3.22 14.65
N ALA A 104 -2.64 -3.07 14.49
CA ALA A 104 -3.25 -1.76 14.36
C ALA A 104 -2.92 -0.88 15.56
N GLU A 105 -2.88 -1.48 16.75
CA GLU A 105 -2.53 -0.76 17.96
C GLU A 105 -1.11 -0.23 17.87
N GLU A 106 -0.23 -1.04 17.30
CA GLU A 106 1.17 -0.66 17.13
C GLU A 106 1.32 0.51 16.16
N LEU A 107 0.22 0.89 15.52
CA LEU A 107 0.27 1.89 14.46
C LEU A 107 -0.69 3.06 14.71
N THR A 108 -1.22 3.14 15.92
CA THR A 108 -2.03 4.28 16.33
C THR A 108 -1.16 5.52 16.53
N ILE A 109 -1.77 6.69 16.61
CA ILE A 109 -1.03 7.94 16.70
C ILE A 109 -0.31 8.08 18.04
N ALA A 110 -0.67 7.24 19.01
CA ALA A 110 0.03 7.21 20.28
C ALA A 110 1.51 6.89 20.09
N LYS A 111 1.81 6.05 19.11
CA LYS A 111 3.16 5.56 18.88
C LYS A 111 3.99 6.57 18.09
N PHE A 112 3.31 7.52 17.45
CA PHE A 112 3.93 8.33 16.40
C PHE A 112 4.86 9.40 16.95
N GLN A 113 4.95 9.50 18.27
CA GLN A 113 5.61 10.64 18.89
C GLN A 113 7.07 10.76 18.45
N ASN A 114 7.75 9.62 18.34
CA ASN A 114 9.17 9.61 18.01
C ASN A 114 9.41 9.67 16.51
N PHE A 115 8.36 9.45 15.72
CA PHE A 115 8.52 9.04 14.33
C PHE A 115 9.02 10.18 13.45
N VAL A 116 8.36 11.33 13.51
CA VAL A 116 8.68 12.43 12.61
C VAL A 116 10.17 12.76 12.64
N PRO A 117 10.77 12.79 13.85
CA PRO A 117 12.20 13.03 13.97
C PRO A 117 13.01 11.88 13.40
N ALA A 118 12.60 10.65 13.72
CA ALA A 118 13.30 9.46 13.25
C ALA A 118 13.32 9.40 11.74
N ILE A 119 12.19 9.77 11.13
CA ILE A 119 12.04 9.72 9.68
C ILE A 119 12.89 10.80 9.01
N GLN A 120 12.84 12.00 9.58
CA GLN A 120 13.58 13.13 9.03
C GLN A 120 15.08 12.84 9.05
N HIS A 121 15.54 12.23 10.13
CA HIS A 121 16.93 11.80 10.26
C HIS A 121 17.36 10.92 9.09
N GLU A 122 16.63 9.84 8.86
CA GLU A 122 17.04 8.85 7.87
C GLU A 122 16.99 9.41 6.45
N VAL A 123 16.06 10.34 6.21
CA VAL A 123 15.96 11.01 4.93
C VAL A 123 17.19 11.88 4.69
N ARG A 124 17.61 12.59 5.73
CA ARG A 124 18.78 13.45 5.65
C ARG A 124 20.07 12.66 5.52
N LYS A 125 20.15 11.54 6.23
CA LYS A 125 21.18 10.54 5.96
C LYS A 125 21.23 10.18 4.48
N PHE A 126 20.12 9.63 3.98
CA PHE A 126 20.07 9.12 2.61
C PHE A 126 20.49 10.17 1.60
N MET A 127 19.97 11.38 1.77
CA MET A 127 20.24 12.46 0.82
C MET A 127 21.72 12.76 0.77
N ALA A 128 22.33 12.95 1.94
CA ALA A 128 23.74 13.32 2.03
C ALA A 128 24.63 12.23 1.43
N GLU A 129 24.26 10.96 1.62
CA GLU A 129 25.08 9.87 1.11
C GLU A 129 24.87 9.65 -0.39
N ASN A 130 23.76 10.17 -0.93
CA ASN A 130 23.35 9.80 -2.28
C ASN A 130 23.13 10.99 -3.20
N TRP A 131 22.85 12.15 -2.61
CA TRP A 131 22.66 13.37 -3.39
C TRP A 131 23.81 14.32 -3.10
N LYS A 132 25.01 13.74 -3.06
CA LYS A 132 26.20 14.40 -2.56
C LYS A 132 26.47 15.72 -3.28
N GLU A 133 26.27 15.72 -4.60
CA GLU A 133 26.64 16.87 -5.42
C GLU A 133 25.55 17.93 -5.46
N ASP A 134 25.91 19.13 -5.91
CA ASP A 134 24.99 20.25 -5.96
C ASP A 134 23.90 20.00 -7.00
N GLU A 135 24.29 19.30 -8.07
CA GLU A 135 23.34 18.77 -9.03
C GLU A 135 23.59 17.28 -9.22
N GLY A 136 22.75 16.66 -10.05
CA GLY A 136 22.87 15.22 -10.31
C GLY A 136 21.54 14.61 -10.70
N VAL A 137 21.60 13.38 -11.21
CA VAL A 137 20.40 12.72 -11.74
C VAL A 137 20.22 11.35 -11.10
N ILE A 138 19.00 11.07 -10.66
CA ILE A 138 18.68 9.84 -9.93
C ILE A 138 17.35 9.26 -10.39
N ASN A 139 17.16 7.98 -10.10
CA ASN A 139 15.85 7.35 -10.27
C ASN A 139 14.97 7.57 -9.05
N LEU A 140 13.88 8.32 -9.23
CA LEU A 140 13.07 8.78 -8.11
C LEU A 140 12.32 7.63 -7.45
N LEU A 141 11.83 6.71 -8.27
CA LEU A 141 11.11 5.54 -7.78
C LEU A 141 12.02 4.65 -6.94
N GLU A 142 13.29 4.57 -7.35
CA GLU A 142 14.24 3.67 -6.71
C GLU A 142 14.74 4.25 -5.39
N ASP A 143 15.05 5.54 -5.40
CA ASP A 143 15.55 6.22 -4.20
C ASP A 143 14.48 6.22 -3.13
N CYS A 144 13.31 6.73 -3.48
CA CYS A 144 12.16 6.75 -2.58
C CYS A 144 11.94 5.41 -1.91
N GLY A 145 12.05 4.34 -2.69
CA GLY A 145 11.91 2.99 -2.17
C GLY A 145 12.86 2.75 -1.01
N ALA A 146 14.07 3.27 -1.15
CA ALA A 146 15.10 3.10 -0.13
C ALA A 146 14.81 3.97 1.09
N MET A 147 14.38 5.20 0.84
CA MET A 147 13.99 6.11 1.91
C MET A 147 12.85 5.52 2.75
N ILE A 148 11.91 4.86 2.10
CA ILE A 148 10.74 4.34 2.78
C ILE A 148 11.12 3.21 3.74
N ILE A 149 11.77 2.18 3.21
CA ILE A 149 12.19 1.05 4.03
C ILE A 149 13.13 1.49 5.16
N ASN A 150 13.94 2.49 4.89
CA ASN A 150 14.85 3.03 5.91
C ASN A 150 14.06 3.67 7.04
N THR A 151 13.31 4.71 6.69
CA THR A 151 12.54 5.48 7.67
C THR A 151 11.54 4.60 8.43
N ALA A 152 11.06 3.55 7.77
CA ALA A 152 10.12 2.63 8.39
C ALA A 152 10.79 1.84 9.52
N CYS A 153 11.90 1.21 9.18
CA CYS A 153 12.66 0.41 10.14
C CYS A 153 13.06 1.26 11.34
N GLN A 154 13.56 2.46 11.06
CA GLN A 154 13.85 3.43 12.10
C GLN A 154 12.62 3.58 13.01
N CYS A 155 11.45 3.54 12.38
CA CYS A 155 10.22 3.93 13.07
C CYS A 155 9.69 2.78 13.93
N LEU A 156 9.86 1.55 13.46
CA LEU A 156 9.20 0.41 14.06
C LEU A 156 10.19 -0.66 14.53
N PHE A 157 11.47 -0.39 14.37
CA PHE A 157 12.51 -1.34 14.77
C PHE A 157 13.36 -0.77 15.90
N GLY A 158 13.54 -1.57 16.95
CA GLY A 158 14.41 -1.19 18.05
C GLY A 158 15.88 -1.24 17.65
N GLU A 159 16.69 -0.44 18.33
CA GLU A 159 18.12 -0.34 18.02
C GLU A 159 18.73 -1.71 17.73
N ASP A 160 18.59 -2.62 18.67
CA ASP A 160 19.26 -3.92 18.59
C ASP A 160 18.88 -4.65 17.32
N LEU A 161 17.59 -4.64 16.99
CA LEU A 161 17.08 -5.31 15.80
C LEU A 161 17.64 -4.66 14.54
N ARG A 162 17.78 -3.35 14.57
CA ARG A 162 18.35 -2.61 13.45
C ARG A 162 19.86 -2.82 13.38
N LYS A 163 20.42 -3.37 14.45
CA LYS A 163 21.82 -3.79 14.44
C LYS A 163 21.99 -5.10 13.69
N ARG A 164 21.34 -6.15 14.18
CA ARG A 164 21.51 -7.44 13.53
C ARG A 164 20.95 -7.41 12.11
N LEU A 165 19.92 -6.60 11.91
CA LEU A 165 19.27 -6.52 10.60
C LEU A 165 19.06 -5.06 10.20
N ASN A 166 19.54 -4.71 9.02
CA ASN A 166 19.50 -3.33 8.53
C ASN A 166 18.57 -3.19 7.34
N ALA A 167 18.13 -1.96 7.09
CA ALA A 167 17.06 -1.70 6.14
C ALA A 167 17.38 -2.25 4.75
N ARG A 168 18.55 -1.91 4.23
CA ARG A 168 18.87 -2.27 2.85
C ARG A 168 18.76 -3.78 2.69
N HIS A 169 19.45 -4.51 3.57
CA HIS A 169 19.40 -5.96 3.53
C HIS A 169 17.95 -6.42 3.56
N PHE A 170 17.20 -5.87 4.50
CA PHE A 170 15.84 -6.31 4.75
C PHE A 170 15.00 -6.17 3.49
N ALA A 171 15.06 -4.99 2.89
CA ALA A 171 14.46 -4.76 1.58
C ALA A 171 14.78 -5.92 0.64
N GLN A 172 16.05 -6.33 0.64
CA GLN A 172 16.50 -7.43 -0.20
C GLN A 172 15.73 -8.71 0.13
N LEU A 173 15.53 -8.94 1.43
CA LEU A 173 14.81 -10.12 1.89
C LEU A 173 13.37 -10.09 1.40
N LEU A 174 12.73 -8.94 1.58
CA LEU A 174 11.36 -8.74 1.13
C LEU A 174 11.22 -9.14 -0.34
N SER A 175 11.97 -8.43 -1.20
CA SER A 175 11.87 -8.64 -2.63
C SER A 175 12.05 -10.13 -2.92
N LYS A 176 12.90 -10.78 -2.13
CA LYS A 176 13.17 -12.20 -2.31
C LYS A 176 11.92 -13.03 -2.04
N MET A 177 11.25 -12.76 -0.93
CA MET A 177 9.98 -13.42 -0.62
C MET A 177 8.96 -13.00 -1.67
N GLU A 178 9.05 -11.73 -2.07
CA GLU A 178 8.08 -11.09 -2.92
C GLU A 178 8.13 -11.63 -4.35
N SER A 179 9.33 -11.68 -4.91
CA SER A 179 9.50 -12.09 -6.31
C SER A 179 8.68 -13.35 -6.57
N SER A 180 8.32 -14.03 -5.48
CA SER A 180 7.63 -15.31 -5.52
C SER A 180 6.20 -15.24 -6.06
N LEU A 181 5.60 -14.05 -6.01
CA LEU A 181 4.17 -13.93 -6.24
C LEU A 181 3.79 -14.06 -7.71
N ILE A 182 2.62 -14.66 -7.95
CA ILE A 182 1.96 -14.61 -9.25
C ILE A 182 0.52 -14.10 -9.10
N PRO A 183 0.22 -12.92 -9.66
CA PRO A 183 -1.09 -12.31 -9.48
C PRO A 183 -2.25 -13.16 -10.00
N ALA A 184 -2.06 -13.81 -11.14
CA ALA A 184 -3.13 -14.65 -11.70
C ALA A 184 -3.77 -15.50 -10.61
N ALA A 185 -2.98 -15.79 -9.58
CA ALA A 185 -3.19 -16.97 -8.75
C ALA A 185 -4.49 -16.90 -7.95
N VAL A 186 -4.83 -15.73 -7.41
CA VAL A 186 -6.02 -15.59 -6.58
C VAL A 186 -7.23 -16.18 -7.28
N PHE A 187 -7.47 -15.67 -8.48
CA PHE A 187 -8.62 -16.07 -9.27
C PHE A 187 -8.52 -17.57 -9.57
N MET A 188 -7.29 -18.03 -9.79
CA MET A 188 -7.05 -19.43 -10.09
C MET A 188 -6.02 -19.99 -9.11
N PRO A 189 -6.44 -20.18 -7.88
CA PRO A 189 -5.57 -20.57 -6.77
C PRO A 189 -4.82 -21.88 -6.94
N TRP A 190 -5.35 -22.72 -7.80
CA TRP A 190 -4.79 -24.05 -8.00
C TRP A 190 -3.37 -23.94 -8.56
N LEU A 191 -3.09 -22.84 -9.25
CA LEU A 191 -1.74 -22.60 -9.72
C LEU A 191 -0.80 -22.49 -8.52
N LEU A 192 -1.33 -22.03 -7.41
CA LEU A 192 -0.50 -21.98 -6.22
C LEU A 192 -0.25 -23.36 -5.59
N ARG A 193 -1.10 -24.37 -5.83
CA ARG A 193 -0.92 -25.63 -5.14
C ARG A 193 0.49 -26.15 -5.39
N LEU A 194 1.06 -26.74 -4.35
CA LEU A 194 2.51 -26.92 -4.28
C LEU A 194 2.90 -28.38 -4.51
N LEU A 196 6.76 -21.50 -8.83
CA LEU A 196 7.16 -22.08 -7.56
C LEU A 196 8.66 -22.36 -7.52
N PRO A 197 9.47 -21.48 -8.13
CA PRO A 197 10.89 -21.81 -8.07
C PRO A 197 11.60 -20.99 -7.00
N GLN A 198 11.33 -19.69 -6.97
CA GLN A 198 11.88 -18.76 -5.97
C GLN A 198 11.12 -18.84 -4.65
N SER A 199 10.04 -19.60 -4.62
CA SER A 199 9.22 -19.71 -3.44
C SER A 199 10.10 -20.17 -2.34
N ALA A 200 11.02 -21.05 -2.69
CA ALA A 200 11.92 -21.59 -1.72
C ALA A 200 12.64 -20.42 -1.11
N ARG A 201 13.01 -19.45 -1.94
CA ARG A 201 13.66 -18.30 -1.40
C ARG A 201 12.73 -17.65 -0.42
N CYS A 202 11.47 -17.50 -0.77
CA CYS A 202 10.60 -16.87 0.23
C CYS A 202 10.71 -17.76 1.44
N ARG A 203 10.68 -19.06 1.21
CA ARG A 203 10.93 -20.01 2.29
C ARG A 203 12.18 -19.61 3.08
N GLU A 204 13.30 -19.47 2.37
CA GLU A 204 14.57 -19.19 3.02
C GLU A 204 14.65 -17.74 3.47
N ALA A 205 14.24 -16.82 2.59
CA ALA A 205 14.11 -15.42 2.95
C ALA A 205 13.44 -15.29 4.31
N ARG A 206 12.29 -15.94 4.46
CA ARG A 206 11.49 -15.82 5.67
C ARG A 206 12.19 -16.49 6.84
N ALA A 207 12.45 -17.78 6.71
CA ALA A 207 13.06 -18.54 7.80
C ALA A 207 14.28 -17.79 8.32
N GLU A 208 15.16 -17.36 7.43
CA GLU A 208 16.32 -16.58 7.83
C GLU A 208 15.88 -15.48 8.79
N LEU A 209 14.99 -14.62 8.30
CA LEU A 209 14.42 -13.56 9.13
C LEU A 209 13.91 -14.11 10.45
N GLN A 210 13.07 -15.14 10.38
CA GLN A 210 12.44 -15.70 11.58
C GLN A 210 13.49 -15.99 12.65
N LYS A 211 14.50 -16.78 12.27
CA LYS A 211 15.53 -17.17 13.22
C LYS A 211 16.28 -15.96 13.77
N ILE A 212 16.59 -14.99 12.93
CA ILE A 212 17.23 -13.76 13.40
C ILE A 212 16.44 -13.24 14.60
N LEU A 213 15.12 -13.18 14.44
CA LEU A 213 14.23 -12.67 15.47
C LEU A 213 14.26 -13.59 16.69
N GLY A 214 13.96 -14.87 16.45
CA GLY A 214 14.00 -15.87 17.50
C GLY A 214 15.25 -15.71 18.34
N GLU A 215 16.35 -15.35 17.68
CA GLU A 215 17.58 -14.95 18.36
C GLU A 215 17.34 -13.67 19.15
N ILE A 216 16.96 -12.61 18.45
CA ILE A 216 16.76 -11.30 19.04
C ILE A 216 15.96 -11.38 20.34
N ILE A 217 14.93 -12.20 20.35
CA ILE A 217 14.02 -12.28 21.50
C ILE A 217 14.75 -12.78 22.74
N VAL A 218 15.34 -13.96 22.63
CA VAL A 218 16.15 -14.51 23.71
C VAL A 218 17.01 -13.42 24.35
N ALA A 219 17.52 -12.50 23.52
CA ALA A 219 18.42 -11.46 24.00
C ALA A 219 17.71 -10.46 24.89
N ARG A 220 16.53 -10.02 24.47
CA ARG A 220 15.81 -8.94 25.14
C ARG A 220 15.12 -9.44 26.40
N GLU A 221 14.85 -10.75 26.43
CA GLU A 221 14.24 -11.38 27.59
C GLU A 221 15.14 -11.21 28.81
N LYS A 222 16.44 -11.29 28.56
CA LYS A 222 17.43 -11.39 29.63
C LYS A 222 18.05 -10.02 29.91
N GLU A 223 17.33 -8.96 29.57
CA GLU A 223 17.72 -7.61 29.93
C GLU A 223 16.57 -6.88 30.62
N GLU A 224 15.53 -7.63 30.99
CA GLU A 224 14.47 -7.11 31.84
C GLU A 224 14.93 -7.08 33.29
N ALA A 225 15.65 -8.12 33.69
CA ALA A 225 16.31 -8.15 34.98
C ALA A 225 17.06 -6.84 35.25
N SER A 226 17.86 -6.43 34.27
CA SER A 226 18.58 -5.16 34.35
C SER A 226 17.62 -3.98 34.33
N LYS A 227 16.53 -4.14 33.58
CA LYS A 227 15.70 -3.01 33.20
C LYS A 227 16.38 -2.18 32.12
N ASP A 228 17.41 -2.76 31.50
CA ASP A 228 18.40 -1.98 30.78
C ASP A 228 17.77 -1.08 29.73
N ASN A 229 16.82 -1.63 28.96
CA ASN A 229 16.04 -0.84 28.03
C ASN A 229 14.57 -1.24 28.06
N ASN A 230 13.68 -0.25 28.08
CA ASN A 230 12.26 -0.51 27.86
C ASN A 230 11.88 -0.35 26.40
N THR A 231 12.15 -1.39 25.61
CA THR A 231 11.99 -1.32 24.16
C THR A 231 10.55 -1.64 23.75
N SER A 232 9.88 -0.64 23.20
CA SER A 232 8.52 -0.80 22.71
C SER A 232 8.43 -0.49 21.22
N ASP A 233 9.23 -1.21 20.43
CA ASP A 233 9.08 -1.18 18.97
C ASP A 233 8.05 -2.21 18.52
N LEU A 234 7.75 -2.22 17.23
CA LEU A 234 6.72 -3.11 16.70
C LEU A 234 6.86 -4.53 17.24
N LEU A 235 8.09 -5.05 17.22
CA LEU A 235 8.34 -6.37 17.76
C LEU A 235 7.95 -6.42 19.23
N GLY A 236 8.37 -5.41 19.99
CA GLY A 236 8.00 -5.26 21.39
C GLY A 236 6.51 -5.47 21.61
N GLY A 237 5.71 -4.57 21.06
CA GLY A 237 4.26 -4.65 21.19
C GLY A 237 3.72 -6.04 20.93
N LEU A 238 4.12 -6.62 19.80
CA LEU A 238 3.58 -7.91 19.36
C LEU A 238 3.84 -9.01 20.39
N LEU A 239 4.97 -8.93 21.08
CA LEU A 239 5.31 -9.93 22.08
C LEU A 239 4.44 -9.77 23.32
N LYS A 240 4.06 -8.53 23.60
CA LYS A 240 3.28 -8.21 24.80
C LYS A 240 1.78 -8.42 24.55
N ALA A 241 1.43 -8.75 23.31
CA ALA A 241 0.04 -9.01 22.96
C ALA A 241 -0.41 -10.36 23.51
N VAL A 242 -1.69 -10.44 23.86
CA VAL A 242 -2.31 -11.69 24.30
C VAL A 242 -3.64 -11.90 23.58
N TYR A 243 -3.81 -13.07 22.99
CA TYR A 243 -5.11 -13.46 22.45
C TYR A 243 -6.13 -13.47 23.58
N ARG A 244 -7.41 -13.53 23.22
CA ARG A 244 -8.48 -13.60 24.21
C ARG A 244 -8.34 -14.89 25.02
N ASP A 245 -8.09 -15.99 24.33
CA ASP A 245 -7.99 -17.30 24.97
C ASP A 245 -6.73 -17.40 25.84
N GLY A 246 -6.03 -16.27 25.98
CA GLY A 246 -4.95 -16.15 26.94
C GLY A 246 -3.62 -16.59 26.39
N THR A 247 -3.63 -17.10 25.17
CA THR A 247 -2.41 -17.54 24.50
C THR A 247 -1.59 -16.35 23.99
N ARG A 248 -0.47 -16.66 23.36
CA ARG A 248 0.36 -15.64 22.74
C ARG A 248 0.69 -15.99 21.29
N MET A 249 1.38 -15.08 20.61
CA MET A 249 1.76 -15.29 19.23
C MET A 249 3.07 -16.09 19.16
N SER A 250 3.03 -17.22 18.46
CA SER A 250 4.24 -17.97 18.17
C SER A 250 5.18 -17.15 17.30
N LEU A 251 6.47 -17.44 17.39
CA LEU A 251 7.47 -16.74 16.60
C LEU A 251 6.96 -16.53 15.18
N HIS A 252 6.46 -17.61 14.59
CA HIS A 252 6.00 -17.61 13.20
C HIS A 252 4.96 -16.51 12.96
N GLU A 253 4.01 -16.40 13.87
CA GLU A 253 2.93 -15.43 13.73
C GLU A 253 3.49 -14.01 13.85
N VAL A 254 4.36 -13.82 14.83
CA VAL A 254 5.07 -12.56 15.00
C VAL A 254 5.84 -12.20 13.74
N CYS A 255 6.66 -13.13 13.27
CA CYS A 255 7.39 -12.97 12.03
C CYS A 255 6.45 -12.59 10.88
N GLY A 256 5.38 -13.37 10.72
CA GLY A 256 4.40 -13.13 9.68
C GLY A 256 3.87 -11.71 9.72
N MET A 257 3.50 -11.27 10.92
CA MET A 257 2.83 -9.99 11.09
C MET A 257 3.76 -8.80 10.85
N ILE A 258 5.05 -8.99 11.11
CA ILE A 258 6.03 -7.95 10.82
C ILE A 258 6.25 -7.84 9.32
N VAL A 259 6.47 -8.99 8.68
CA VAL A 259 6.56 -9.06 7.23
C VAL A 259 5.39 -8.32 6.59
N ALA A 260 4.18 -8.70 7.00
CA ALA A 260 2.96 -8.17 6.39
C ALA A 260 2.95 -6.65 6.54
N ALA A 261 3.30 -6.19 7.74
CA ALA A 261 3.35 -4.75 8.03
C ALA A 261 4.30 -4.04 7.08
N MET A 262 5.49 -4.60 6.90
CA MET A 262 6.56 -3.94 6.16
C MET A 262 6.30 -4.05 4.67
N PHE A 263 5.94 -5.26 4.25
CA PHE A 263 5.59 -5.55 2.86
C PHE A 263 4.60 -4.54 2.30
N ALA A 264 3.53 -4.27 3.03
CA ALA A 264 2.45 -3.43 2.52
C ALA A 264 2.94 -2.00 2.31
N GLY A 265 3.43 -1.39 3.38
CA GLY A 265 3.88 0.00 3.34
C GLY A 265 4.93 0.23 2.27
N GLN A 266 5.84 -0.73 2.14
CA GLN A 266 7.04 -0.55 1.33
C GLN A 266 6.69 -0.14 -0.10
N HIS A 267 5.79 -0.88 -0.73
CA HIS A 267 5.41 -0.61 -2.10
C HIS A 267 4.38 0.52 -2.18
N THR A 268 3.35 0.40 -1.36
CA THR A 268 2.24 1.35 -1.42
C THR A 268 2.76 2.76 -1.15
N SER A 269 3.70 2.85 -0.22
CA SER A 269 4.15 4.15 0.24
C SER A 269 5.20 4.75 -0.69
N THR A 270 6.13 3.93 -1.16
CA THR A 270 7.20 4.45 -2.01
C THR A 270 6.64 4.96 -3.33
N ILE A 271 5.62 4.27 -3.84
CA ILE A 271 4.91 4.70 -5.04
C ILE A 271 4.18 6.03 -4.81
N THR A 272 3.46 6.09 -3.70
CA THR A 272 2.69 7.28 -3.35
C THR A 272 3.62 8.49 -3.30
N THR A 273 4.70 8.35 -2.55
CA THR A 273 5.72 9.39 -2.48
C THR A 273 6.13 9.81 -3.88
N SER A 274 6.41 8.84 -4.73
CA SER A 274 7.02 9.11 -6.03
C SER A 274 6.09 9.92 -6.93
N TRP A 275 4.89 9.39 -7.16
CA TRP A 275 3.87 10.15 -7.88
C TRP A 275 3.83 11.58 -7.34
N SER A 276 3.63 11.67 -6.03
CA SER A 276 3.34 12.94 -5.39
C SER A 276 4.42 13.97 -5.73
N MET A 277 5.67 13.54 -5.60
CA MET A 277 6.80 14.39 -5.94
C MET A 277 6.73 14.78 -7.41
N LEU A 278 6.51 13.78 -8.26
CA LEU A 278 6.48 13.97 -9.70
C LEU A 278 5.54 15.11 -10.10
N HIS A 279 4.26 14.97 -9.75
CA HIS A 279 3.29 16.00 -10.05
C HIS A 279 3.82 17.34 -9.58
N LEU A 280 4.29 17.38 -8.35
CA LEU A 280 4.74 18.62 -7.76
C LEU A 280 5.89 19.25 -8.52
N MET A 281 6.85 18.43 -8.86
CA MET A 281 8.00 18.87 -9.65
C MET A 281 7.55 19.48 -10.96
N HIS A 282 6.63 18.79 -11.64
CA HIS A 282 6.21 19.16 -12.98
C HIS A 282 5.93 20.66 -13.02
N PRO A 283 6.21 21.30 -14.15
CA PRO A 283 6.12 22.75 -14.20
C PRO A 283 4.68 23.24 -14.24
N LYS A 284 3.81 22.49 -14.91
CA LYS A 284 2.38 22.78 -14.90
C LYS A 284 1.87 22.97 -13.48
N ASN A 285 2.47 22.25 -12.54
CA ASN A 285 1.97 22.22 -11.17
C ASN A 285 2.74 23.19 -10.27
N LYS A 286 3.31 24.22 -10.88
CA LYS A 286 3.98 25.29 -10.15
C LYS A 286 3.14 25.71 -8.94
N LYS A 287 1.96 26.26 -9.21
CA LYS A 287 1.11 26.84 -8.19
C LYS A 287 0.99 25.93 -6.98
N TRP A 288 0.76 24.65 -7.24
CA TRP A 288 0.67 23.66 -6.17
C TRP A 288 2.00 23.55 -5.42
N LEU A 289 3.08 23.41 -6.19
CA LEU A 289 4.42 23.38 -5.61
C LEU A 289 4.65 24.62 -4.73
N ASP A 290 4.28 25.78 -5.27
CA ASP A 290 4.39 27.02 -4.51
C ASP A 290 3.55 26.94 -3.24
N LYS A 291 2.31 26.47 -3.36
CA LYS A 291 1.41 26.40 -2.22
C LYS A 291 1.98 25.46 -1.17
N LEU A 292 2.50 24.32 -1.61
CA LEU A 292 3.24 23.43 -0.72
C LEU A 292 4.22 24.24 0.12
N HIS A 293 5.00 25.10 -0.54
CA HIS A 293 6.01 25.86 0.15
C HIS A 293 5.41 26.76 1.21
N LYS A 294 4.40 27.55 0.81
CA LYS A 294 3.79 28.48 1.74
C LYS A 294 3.50 27.77 3.07
N GLU A 295 3.42 26.46 3.04
CA GLU A 295 3.02 25.68 4.21
C GLU A 295 4.19 25.12 5.00
N ILE A 296 5.33 24.94 4.34
CA ILE A 296 6.48 24.31 4.99
C ILE A 296 7.71 25.20 5.11
N ASP A 297 7.67 26.38 4.49
CA ASP A 297 8.79 27.31 4.57
C ASP A 297 8.99 27.77 6.01
N GLU A 298 7.89 27.87 6.74
CA GLU A 298 7.89 28.50 8.06
C GLU A 298 8.04 27.46 9.17
N PHE A 299 8.60 26.31 8.80
CA PHE A 299 8.87 25.25 9.76
C PHE A 299 10.33 25.25 10.19
N PRO A 300 10.60 24.86 11.44
CA PRO A 300 11.98 24.58 11.84
C PRO A 300 12.52 23.37 11.09
N ALA A 301 13.83 23.33 10.88
CA ALA A 301 14.46 22.21 10.18
C ALA A 301 14.05 20.89 10.83
N GLN A 302 14.28 20.79 12.14
CA GLN A 302 13.74 19.68 12.92
C GLN A 302 12.22 19.83 13.02
N LEU A 303 11.49 18.81 12.56
CA LEU A 303 10.04 18.84 12.61
C LEU A 303 9.49 17.92 13.70
N ASN A 304 8.38 18.33 14.29
CA ASN A 304 7.66 17.46 15.20
C ASN A 304 6.29 17.03 14.69
N TYR A 305 5.61 16.26 15.54
CA TYR A 305 4.33 15.63 15.23
C TYR A 305 3.29 16.67 14.83
N ASP A 306 3.18 17.74 15.61
CA ASP A 306 2.23 18.81 15.33
C ASP A 306 2.45 19.36 13.93
N ASN A 307 3.72 19.59 13.59
CA ASN A 307 4.05 20.09 12.25
C ASN A 307 3.35 19.27 11.18
N VAL A 308 3.56 17.95 11.24
CA VAL A 308 3.14 17.05 10.16
C VAL A 308 1.64 16.74 10.05
N MET A 309 1.00 16.20 11.09
CA MET A 309 -0.44 15.98 11.00
C MET A 309 -1.17 17.31 10.92
N ASP A 310 -1.05 18.11 11.99
CA ASP A 310 -2.01 19.18 12.25
C ASP A 310 -1.71 20.42 11.42
N GLU A 311 -0.51 20.49 10.86
CA GLU A 311 -0.04 21.71 10.20
C GLU A 311 0.34 21.51 8.74
N MET A 312 0.01 20.35 8.18
CA MET A 312 0.19 20.14 6.74
C MET A 312 -1.04 19.53 6.10
N PRO A 313 -2.21 20.18 6.27
CA PRO A 313 -3.44 19.74 5.63
C PRO A 313 -3.26 19.59 4.12
N PHE A 314 -2.63 20.57 3.50
CA PHE A 314 -2.61 20.68 2.05
C PHE A 314 -1.72 19.61 1.43
N ALA A 315 -0.48 19.52 1.90
CA ALA A 315 0.44 18.48 1.44
C ALA A 315 -0.30 17.15 1.42
N GLU A 316 -0.99 16.85 2.51
CA GLU A 316 -1.81 15.64 2.62
C GLU A 316 -2.82 15.55 1.48
N ARG A 317 -3.27 16.71 0.99
CA ARG A 317 -4.18 16.75 -0.15
C ARG A 317 -3.49 16.27 -1.42
N CYS A 318 -2.25 16.72 -1.61
CA CYS A 318 -1.45 16.30 -2.75
C CYS A 318 -1.27 14.79 -2.75
N VAL A 319 -0.98 14.23 -1.57
CA VAL A 319 -0.78 12.80 -1.43
C VAL A 319 -2.06 12.03 -1.79
N ARG A 320 -3.18 12.44 -1.19
CA ARG A 320 -4.43 11.74 -1.42
C ARG A 320 -4.88 11.84 -2.87
N GLU A 321 -4.70 13.02 -3.46
CA GLU A 321 -5.00 13.22 -4.88
C GLU A 321 -4.18 12.26 -5.73
N SER A 322 -2.92 12.06 -5.34
CA SER A 322 -2.01 11.20 -6.08
C SER A 322 -2.47 9.75 -6.01
N ILE A 323 -2.92 9.32 -4.84
CA ILE A 323 -3.47 7.98 -4.67
C ILE A 323 -4.80 7.87 -5.40
N ARG A 324 -5.48 9.01 -5.54
CA ARG A 324 -6.76 9.07 -6.24
C ARG A 324 -6.57 8.80 -7.73
N ARG A 325 -5.60 9.50 -8.32
CA ARG A 325 -5.34 9.40 -9.75
C ARG A 325 -4.83 8.01 -10.12
N ASP A 326 -3.88 7.52 -9.32
CA ASP A 326 -3.19 6.28 -9.64
C ASP A 326 -3.15 5.37 -8.40
N PRO A 327 -4.30 4.81 -8.02
CA PRO A 327 -4.25 3.95 -6.85
C PRO A 327 -3.27 2.79 -7.03
N PRO A 328 -2.30 2.68 -6.12
CA PRO A 328 -1.35 1.57 -6.09
C PRO A 328 -2.01 0.20 -6.20
N LEU A 329 -3.12 0.03 -5.50
CA LEU A 329 -3.89 -1.22 -5.56
C LEU A 329 -5.15 -1.03 -6.40
N LEU A 330 -5.13 -1.59 -7.60
CA LEU A 330 -6.21 -1.39 -8.56
C LEU A 330 -7.51 -2.03 -8.06
N MET A 331 -7.38 -3.20 -7.46
CA MET A 331 -8.52 -4.07 -7.22
C MET A 331 -8.54 -4.58 -5.78
N VAL A 332 -9.71 -4.54 -5.16
CA VAL A 332 -9.98 -5.28 -3.94
C VAL A 332 -11.04 -6.34 -4.22
N MET A 333 -11.06 -7.42 -3.44
CA MET A 333 -11.87 -8.58 -3.82
C MET A 333 -12.37 -9.42 -2.63
N ARG A 334 -13.43 -10.20 -2.84
CA ARG A 334 -14.08 -11.09 -1.86
C ARG A 334 -14.52 -12.31 -2.57
N MET A 335 -14.87 -13.33 -1.81
CA MET A 335 -15.43 -14.50 -2.41
C MET A 335 -16.85 -14.44 -1.93
N VAL A 336 -17.77 -14.23 -2.82
CA VAL A 336 -19.17 -14.16 -2.43
C VAL A 336 -19.63 -15.51 -1.88
N LYS A 337 -19.81 -15.58 -0.57
CA LYS A 337 -20.20 -16.83 0.08
C LYS A 337 -21.71 -16.88 0.32
N ALA A 338 -22.40 -15.79 0.01
CA ALA A 338 -23.86 -15.78 -0.01
C ALA A 338 -24.37 -14.65 -0.88
N GLU A 339 -25.58 -14.80 -1.42
CA GLU A 339 -26.17 -13.79 -2.27
C GLU A 339 -26.10 -12.41 -1.60
N VAL A 340 -25.83 -11.38 -2.39
CA VAL A 340 -25.84 -10.01 -1.89
C VAL A 340 -26.45 -9.05 -2.90
N LYS A 341 -27.29 -8.15 -2.41
CA LYS A 341 -27.87 -7.10 -3.25
C LYS A 341 -26.84 -6.01 -3.54
N VAL A 342 -26.75 -5.62 -4.80
CA VAL A 342 -25.93 -4.47 -5.19
C VAL A 342 -26.69 -3.62 -6.21
N GLY A 343 -27.33 -2.56 -5.72
CA GLY A 343 -28.28 -1.81 -6.55
C GLY A 343 -29.44 -2.67 -6.97
N SER A 344 -29.74 -2.69 -8.26
CA SER A 344 -30.85 -3.48 -8.78
C SER A 344 -30.45 -4.91 -9.09
N TYR A 345 -29.19 -5.25 -8.87
CA TYR A 345 -28.69 -6.58 -9.18
C TYR A 345 -28.53 -7.46 -7.94
N VAL A 346 -28.44 -8.77 -8.16
CA VAL A 346 -27.94 -9.70 -7.15
C VAL A 346 -26.70 -10.44 -7.64
N VAL A 347 -25.90 -10.91 -6.70
CA VAL A 347 -24.59 -11.47 -7.01
C VAL A 347 -24.43 -12.83 -6.33
N PRO A 348 -24.26 -13.89 -7.14
CA PRO A 348 -24.47 -15.26 -6.70
C PRO A 348 -23.32 -15.82 -5.85
N LYS A 349 -23.67 -16.47 -4.74
CA LYS A 349 -22.72 -17.26 -3.99
C LYS A 349 -21.79 -18.00 -4.94
N GLY A 350 -20.49 -17.73 -4.83
CA GLY A 350 -19.50 -18.40 -5.65
C GLY A 350 -18.87 -17.48 -6.68
N ASP A 351 -19.53 -16.36 -6.96
CA ASP A 351 -18.95 -15.32 -7.80
C ASP A 351 -17.67 -14.78 -7.17
N ILE A 352 -16.86 -14.12 -7.99
CA ILE A 352 -15.78 -13.28 -7.46
C ILE A 352 -16.16 -11.81 -7.59
N ILE A 353 -16.18 -11.12 -6.46
CA ILE A 353 -16.66 -9.75 -6.41
C ILE A 353 -15.54 -8.79 -6.06
N ALA A 354 -15.39 -7.75 -6.89
CA ALA A 354 -14.28 -6.82 -6.78
C ALA A 354 -14.81 -5.40 -6.68
N CYS A 355 -13.98 -4.52 -6.11
CA CYS A 355 -14.25 -3.09 -6.12
C CYS A 355 -12.94 -2.37 -6.40
N SER A 356 -12.89 -1.62 -7.50
CA SER A 356 -11.63 -1.16 -8.05
C SER A 356 -11.45 0.33 -7.80
N PRO A 357 -10.54 0.70 -6.90
CA PRO A 357 -10.22 2.12 -6.79
C PRO A 357 -9.89 2.71 -8.15
N LEU A 358 -9.14 1.95 -8.94
CA LEU A 358 -8.68 2.43 -10.24
C LEU A 358 -9.87 2.86 -11.09
N LEU A 359 -10.86 1.97 -11.20
CA LEU A 359 -12.09 2.29 -11.90
C LEU A 359 -12.77 3.49 -11.23
N SER A 360 -13.07 3.34 -9.95
CA SER A 360 -13.94 4.28 -9.25
C SER A 360 -13.34 5.68 -9.24
N HIS A 361 -12.02 5.77 -9.13
CA HIS A 361 -11.34 7.05 -9.10
C HIS A 361 -11.45 7.79 -10.44
N HIS A 362 -12.02 7.13 -11.43
CA HIS A 362 -12.12 7.74 -12.76
C HIS A 362 -13.57 7.85 -13.23
N ASP A 363 -14.51 7.44 -12.38
CA ASP A 363 -15.90 7.80 -12.56
C ASP A 363 -16.05 9.31 -12.70
N GLU A 364 -16.84 9.76 -13.67
CA GLU A 364 -16.87 11.16 -14.03
C GLU A 364 -17.71 11.97 -13.06
N GLU A 365 -18.85 11.42 -12.66
CA GLU A 365 -19.69 12.05 -11.64
C GLU A 365 -18.83 12.42 -10.44
N ALA A 366 -18.14 11.43 -9.88
CA ALA A 366 -17.33 11.61 -8.69
C ALA A 366 -16.10 12.46 -8.98
N PHE A 367 -15.42 12.15 -10.07
CA PHE A 367 -14.12 12.75 -10.36
C PHE A 367 -14.05 13.24 -11.80
N PRO A 368 -14.65 14.40 -12.10
CA PRO A 368 -14.53 14.86 -13.48
C PRO A 368 -13.08 15.01 -13.92
N ASN A 369 -12.80 14.65 -15.16
CA ASN A 369 -11.48 14.80 -15.74
C ASN A 369 -10.43 14.12 -14.87
N PRO A 370 -10.67 12.86 -14.48
CA PRO A 370 -9.87 12.28 -13.42
C PRO A 370 -8.36 12.38 -13.67
N ARG A 371 -7.94 12.20 -14.92
CA ARG A 371 -6.51 12.16 -15.22
C ARG A 371 -5.82 13.44 -14.75
N LEU A 372 -6.59 14.50 -14.57
CA LEU A 372 -6.06 15.73 -13.98
C LEU A 372 -5.76 15.51 -12.51
N TRP A 373 -4.49 15.68 -12.15
CA TRP A 373 -4.08 15.73 -10.76
C TRP A 373 -4.43 17.08 -10.15
N ASP A 374 -5.53 17.10 -9.39
CA ASP A 374 -5.99 18.31 -8.72
C ASP A 374 -6.19 18.03 -7.23
N PRO A 375 -5.18 18.35 -6.41
CA PRO A 375 -5.23 18.01 -4.98
C PRO A 375 -6.35 18.73 -4.24
N GLU A 376 -6.83 19.84 -4.81
CA GLU A 376 -7.87 20.62 -4.16
C GLU A 376 -9.26 20.16 -4.58
N ARG A 377 -9.33 19.17 -5.46
CA ARG A 377 -10.61 18.59 -5.86
C ARG A 377 -11.21 17.80 -4.71
N ASP A 378 -12.53 17.67 -4.72
CA ASP A 378 -13.23 16.94 -3.67
C ASP A 378 -14.20 15.92 -4.26
N GLU A 379 -14.13 14.69 -3.77
CA GLU A 379 -14.96 13.62 -4.31
C GLU A 379 -16.42 14.06 -4.36
N LYS A 380 -17.01 14.01 -5.55
CA LYS A 380 -18.35 14.52 -5.77
C LYS A 380 -19.39 13.58 -5.17
N VAL A 381 -19.08 12.30 -5.15
CA VAL A 381 -19.95 11.30 -4.54
C VAL A 381 -19.31 10.77 -3.26
N ASP A 382 -20.08 10.77 -2.17
CA ASP A 382 -19.54 10.43 -0.87
C ASP A 382 -19.10 8.97 -0.85
N GLY A 383 -17.86 8.74 -0.45
CA GLY A 383 -17.32 7.39 -0.31
C GLY A 383 -16.63 6.91 -1.57
N ALA A 384 -16.61 7.77 -2.59
CA ALA A 384 -16.03 7.41 -3.87
C ALA A 384 -14.58 6.96 -3.72
N PHE A 385 -13.73 7.88 -3.27
CA PHE A 385 -12.34 7.56 -2.96
C PHE A 385 -12.26 6.31 -2.08
N ILE A 386 -11.49 5.33 -2.54
CA ILE A 386 -11.29 4.08 -1.81
C ILE A 386 -9.82 3.66 -1.80
N GLY A 387 -8.93 4.62 -2.01
CA GLY A 387 -7.51 4.32 -2.10
C GLY A 387 -7.00 3.49 -0.94
N PHE A 388 -7.62 3.67 0.22
CA PHE A 388 -7.27 2.92 1.42
C PHE A 388 -8.38 1.94 1.79
N GLY A 389 -9.23 1.61 0.81
CA GLY A 389 -10.40 0.78 1.06
C GLY A 389 -11.37 1.43 2.02
N ALA A 390 -12.27 0.62 2.58
CA ALA A 390 -13.28 1.12 3.50
C ALA A 390 -13.84 -0.02 4.37
N GLY A 391 -14.60 0.36 5.40
CA GLY A 391 -15.36 -0.60 6.18
C GLY A 391 -14.49 -1.43 7.10
N VAL A 392 -14.81 -2.72 7.21
CA VAL A 392 -14.11 -3.60 8.15
C VAL A 392 -12.63 -3.67 7.80
N HIS A 393 -12.36 -3.77 6.50
CA HIS A 393 -11.02 -4.07 6.01
C HIS A 393 -10.32 -2.83 5.48
N LYS A 394 -10.69 -1.67 6.00
CA LYS A 394 -9.99 -0.46 5.61
C LYS A 394 -8.59 -0.49 6.16
N CYS A 395 -7.71 0.25 5.50
CA CYS A 395 -6.29 0.25 5.80
C CYS A 395 -6.03 0.70 7.23
N ILE A 396 -5.13 0.00 7.92
CA ILE A 396 -4.65 0.50 9.22
C ILE A 396 -3.37 1.32 9.07
N GLY A 397 -2.57 1.00 8.05
CA GLY A 397 -1.29 1.68 7.85
C GLY A 397 -1.47 3.09 7.34
N GLN A 398 -2.73 3.47 7.11
CA GLN A 398 -3.03 4.72 6.41
C GLN A 398 -2.34 5.91 7.06
N LYS A 399 -2.53 6.07 8.36
CA LYS A 399 -2.06 7.26 9.07
C LYS A 399 -0.54 7.31 9.08
N PHE A 400 0.08 6.18 9.38
CA PHE A 400 1.54 6.09 9.44
C PHE A 400 2.14 6.47 8.09
N ALA A 401 1.55 5.93 7.03
CA ALA A 401 2.01 6.19 5.67
C ALA A 401 1.96 7.69 5.39
N LEU A 402 0.78 8.28 5.60
CA LEU A 402 0.60 9.71 5.41
C LEU A 402 1.70 10.48 6.13
N LEU A 403 2.03 10.03 7.34
CA LEU A 403 3.11 10.63 8.10
C LEU A 403 4.41 10.59 7.31
N GLN A 404 4.81 9.39 6.90
CA GLN A 404 6.05 9.24 6.18
C GLN A 404 6.13 10.03 4.90
N VAL A 405 5.14 9.87 4.04
CA VAL A 405 5.16 10.57 2.76
C VAL A 405 5.12 12.08 2.95
N LYS A 406 4.18 12.54 3.77
CA LYS A 406 4.12 13.96 4.11
C LYS A 406 5.48 14.42 4.62
N THR A 407 6.01 13.69 5.58
CA THR A 407 7.28 14.04 6.21
C THR A 407 8.38 14.10 5.16
N ILE A 408 8.47 13.07 4.33
CA ILE A 408 9.52 12.98 3.33
C ILE A 408 9.44 14.14 2.35
N LEU A 409 8.23 14.46 1.93
CA LEU A 409 8.02 15.57 1.01
C LEU A 409 8.65 16.84 1.56
N ALA A 410 8.36 17.12 2.83
CA ALA A 410 8.80 18.37 3.45
C ALA A 410 10.32 18.44 3.51
N THR A 411 10.94 17.35 3.95
CA THR A 411 12.39 17.31 4.13
C THR A 411 13.10 17.46 2.79
N ALA A 412 12.62 16.73 1.79
CA ALA A 412 13.26 16.72 0.48
C ALA A 412 13.16 18.10 -0.17
N PHE A 413 11.93 18.57 -0.32
CA PHE A 413 11.67 19.81 -1.02
C PHE A 413 12.30 21.01 -0.32
N ARG A 414 12.26 20.98 1.01
CA ARG A 414 12.88 22.04 1.80
C ARG A 414 14.35 22.21 1.45
N GLU A 415 15.05 21.09 1.31
CA GLU A 415 16.50 21.11 1.16
C GLU A 415 16.91 20.81 -0.27
N TYR A 416 15.97 20.94 -1.20
CA TYR A 416 16.22 20.60 -2.60
C TYR A 416 15.20 21.24 -3.53
N ASP A 417 15.56 21.31 -4.80
CA ASP A 417 14.59 21.41 -5.88
C ASP A 417 14.73 20.21 -6.82
N PHE A 418 13.84 20.13 -7.81
CA PHE A 418 13.77 18.96 -8.67
C PHE A 418 13.27 19.31 -10.07
N GLN A 419 13.56 18.42 -11.01
CA GLN A 419 13.10 18.59 -12.39
C GLN A 419 12.96 17.25 -13.11
N LEU A 420 11.80 17.03 -13.70
CA LEU A 420 11.48 15.81 -14.43
C LEU A 420 12.28 15.76 -15.73
N LEU A 421 13.01 14.67 -15.94
CA LEU A 421 13.75 14.51 -17.18
C LEU A 421 12.84 13.91 -18.24
N ARG A 422 11.78 14.64 -18.52
CA ARG A 422 10.81 14.25 -19.53
C ARG A 422 9.85 15.39 -19.80
N ASP A 423 9.10 15.25 -20.89
CA ASP A 423 8.01 16.19 -21.18
C ASP A 423 6.90 16.03 -20.15
N GLU A 424 6.53 14.79 -19.85
CA GLU A 424 5.29 14.51 -19.15
C GLU A 424 5.44 13.47 -18.04
N VAL A 425 4.64 13.62 -17.00
CA VAL A 425 4.63 12.71 -15.86
C VAL A 425 4.51 11.26 -16.30
N PRO A 426 5.26 10.36 -15.66
CA PRO A 426 5.37 9.00 -16.16
C PRO A 426 4.04 8.28 -16.24
N ASP A 427 3.87 7.46 -17.28
CA ASP A 427 2.70 6.61 -17.43
C ASP A 427 2.76 5.46 -16.43
N PRO A 428 1.65 5.17 -15.75
CA PRO A 428 1.73 4.05 -14.83
C PRO A 428 2.05 2.75 -15.56
N ASP A 429 2.53 1.76 -14.82
CA ASP A 429 2.87 0.47 -15.37
C ASP A 429 2.01 -0.61 -14.73
N TYR A 430 0.99 -1.05 -15.46
CA TYR A 430 -0.09 -1.84 -14.89
C TYR A 430 0.32 -3.31 -14.79
N HIS A 431 1.60 -3.57 -15.01
CA HIS A 431 2.08 -4.93 -15.19
C HIS A 431 2.54 -5.54 -13.87
N THR A 432 2.52 -4.73 -12.81
CA THR A 432 2.96 -5.19 -11.51
C THR A 432 1.79 -5.39 -10.56
N MET A 433 2.01 -6.22 -9.54
CA MET A 433 0.99 -6.51 -8.54
C MET A 433 0.52 -5.21 -7.88
N VAL A 434 1.48 -4.38 -7.49
CA VAL A 434 1.20 -3.04 -7.01
C VAL A 434 1.68 -2.04 -8.03
N VAL A 435 0.81 -1.11 -8.42
CA VAL A 435 1.04 -0.30 -9.61
C VAL A 435 1.68 1.04 -9.29
N GLY A 436 2.81 1.30 -9.93
CA GLY A 436 3.57 2.53 -9.72
C GLY A 436 3.96 3.15 -11.04
N PRO A 437 4.47 4.39 -11.02
CA PRO A 437 4.88 4.96 -12.29
C PRO A 437 5.99 4.14 -12.93
N THR A 438 6.18 4.30 -14.23
CA THR A 438 7.01 3.38 -15.00
C THR A 438 8.49 3.58 -14.67
N LEU A 439 9.14 2.49 -14.25
CA LEU A 439 10.43 2.60 -13.57
C LEU A 439 11.42 3.39 -14.40
N ASN A 440 11.52 3.05 -15.69
CA ASN A 440 12.51 3.67 -16.56
C ASN A 440 12.34 5.18 -16.76
N GLN A 441 11.14 5.71 -16.57
CA GLN A 441 10.93 7.14 -16.80
C GLN A 441 11.12 7.97 -15.54
N CYS A 442 11.46 7.32 -14.43
CA CYS A 442 11.45 8.03 -13.16
C CYS A 442 12.77 8.76 -12.92
N LEU A 443 13.57 8.89 -13.96
CA LEU A 443 14.82 9.66 -13.83
C LEU A 443 14.50 11.14 -13.72
N VAL A 444 15.30 11.83 -12.91
CA VAL A 444 15.09 13.25 -12.65
C VAL A 444 16.39 13.89 -12.19
N LYS A 445 16.46 15.21 -12.29
CA LYS A 445 17.63 15.95 -11.83
C LYS A 445 17.36 16.64 -10.50
N TYR A 446 18.21 16.38 -9.52
CA TYR A 446 18.12 17.07 -8.24
C TYR A 446 19.06 18.27 -8.20
N THR A 447 18.48 19.45 -7.99
CA THR A 447 19.25 20.66 -7.77
C THR A 447 19.17 21.09 -6.31
N ARG A 448 20.30 21.00 -5.61
CA ARG A 448 20.38 21.44 -4.23
C ARG A 448 20.01 22.92 -4.11
N LYS A 449 19.70 23.35 -2.90
CA LYS A 449 19.37 24.75 -2.63
C LYS A 449 20.35 25.30 -1.60
N LYS A 450 20.48 26.62 -1.55
CA LYS A 450 21.30 27.27 -0.54
C LYS A 450 20.84 28.69 -0.24
N LYS A 451 21.15 29.17 0.96
CA LYS A 451 20.76 30.50 1.39
C LYS A 451 21.99 31.32 1.78
CHA HEM B . -5.82 -2.59 3.60
CHB HEM B . -4.20 0.76 0.47
CHC HEM B . -0.44 1.67 3.42
CHD HEM B . -1.56 -2.30 5.93
C1A HEM B . -5.72 -1.71 2.56
C2A HEM B . -6.64 -1.62 1.52
C3A HEM B . -6.20 -0.70 0.63
C4A HEM B . -4.97 -0.21 1.10
CMA HEM B . -6.89 -0.27 -0.64
CAA HEM B . -7.90 -2.44 1.42
CBA HEM B . -7.49 -3.90 1.31
CGA HEM B . -8.68 -4.71 0.85
O1A HEM B . -9.83 -4.24 0.98
O2A HEM B . -8.51 -5.84 0.35
C1B HEM B . -3.05 1.27 1.05
C2B HEM B . -2.33 2.35 0.49
C3B HEM B . -1.28 2.61 1.31
C4B HEM B . -1.39 1.66 2.42
CMB HEM B . -2.69 3.08 -0.78
CAB HEM B . -0.21 3.61 1.22
CBB HEM B . -0.21 4.43 0.17
C1C HEM B . -0.41 0.66 4.36
C2C HEM B . 0.66 0.40 5.22
C3C HEM B . 0.33 -0.74 5.92
C4C HEM B . -0.93 -1.18 5.47
CMC HEM B . 1.87 1.28 5.36
CAC HEM B . 1.09 -1.38 7.00
CBC HEM B . 2.19 -0.76 7.41
C1D HEM B . -2.82 -2.62 5.44
C2D HEM B . -3.52 -3.73 6.08
C3D HEM B . -4.70 -3.82 5.43
C4D HEM B . -4.72 -2.75 4.45
CMD HEM B . -2.99 -4.58 7.21
CAD HEM B . -5.76 -4.84 5.70
CBD HEM B . -6.92 -4.16 6.41
CGD HEM B . -7.89 -5.25 6.78
O1D HEM B . -7.99 -6.27 6.07
O2D HEM B . -8.57 -5.15 7.83
NA HEM B . -4.68 -0.87 2.27
NB HEM B . -2.47 0.91 2.19
NC HEM B . -1.35 -0.33 4.49
ND HEM B . -3.58 -2.07 4.50
FE HEM B . -3.09 -0.66 3.41
FBE VT1 C . -4.29 -5.94 -11.76
CBD VT1 C . -4.87 -6.61 -10.77
FBF VT1 C . -5.66 -7.55 -11.30
FBG VT1 C . -5.58 -5.79 -10.03
CBC VT1 C . -3.80 -7.28 -9.91
OBB VT1 C . -4.51 -8.08 -8.96
CBA VT1 C . -4.21 -7.89 -7.65
CBH VT1 C . -4.95 -8.64 -6.74
CBI VT1 C . -4.71 -8.53 -5.38
CAZ VT1 C . -3.20 -7.04 -7.19
CAY VT1 C . -2.95 -6.94 -5.83
CAX VT1 C . -3.72 -7.67 -4.92
CAW VT1 C . -3.45 -7.61 -3.56
CBJ VT1 C . -2.34 -6.93 -3.10
NBK VT1 C . -2.05 -6.92 -1.73
CAV VT1 C . -4.24 -8.34 -2.67
CAU VT1 C . -3.93 -8.31 -1.32
CAT VT1 C . -2.84 -7.58 -0.86
CAQ VT1 C . -2.49 -7.59 0.48
FAR VT1 C . -1.23 -8.00 0.59
FAS VT1 C . -3.28 -8.43 1.13
CAB VT1 C . -2.60 -6.20 1.13
CAC VT1 C . -1.76 -5.19 0.34
NAD VT1 C . -1.76 -3.89 1.04
NAH VT1 C . -0.82 -3.26 1.24
NAG VT1 C . -1.06 -2.24 1.80
NAF VT1 C . -2.18 -2.11 2.02
CAE VT1 C . -2.78 -3.20 1.53
OAA VT1 C . -3.98 -5.79 1.09
CAI VT1 C . -2.20 -6.32 2.46
CAO VT1 C . -0.93 -5.97 2.91
FAP VT1 C . -0.03 -5.41 2.07
CAN VT1 C . -0.58 -6.16 4.25
CAL VT1 C . -1.49 -6.74 5.13
FAM VT1 C . -1.14 -6.93 6.42
CAK VT1 C . -2.74 -7.12 4.67
CAJ VT1 C . -3.09 -6.93 3.35
#